data_3GKW
#
_entry.id   3GKW
#
_cell.length_a   84.223
_cell.length_b   84.223
_cell.length_c   138.535
_cell.angle_alpha   90.00
_cell.angle_beta   90.00
_cell.angle_gamma   90.00
#
_symmetry.space_group_name_H-M   'P 43 21 2'
#
loop_
_entity.id
_entity.type
_entity.pdbx_description
1 polymer 'Heavy chain of the antibody Nimotuzumab'
2 polymer 'Light chain of the antibody Nimotuzumab'
3 non-polymer DI(HYDROXYETHYL)ETHER
4 non-polymer 'PENTAETHYLENE GLYCOL'
5 water water
#
loop_
_entity_poly.entity_id
_entity_poly.type
_entity_poly.pdbx_seq_one_letter_code
_entity_poly.pdbx_strand_id
1 'polypeptide(L)'
;QVQLQQSGAEVKKPGSSVKVSCKASGYTFTNYYIYWVRQAPGQGLEWIGGINPTSGGSNFNEKFKTRVTITADESSTTAY
MELSSLRSEDTAFYFCTRQGLWFDSDGRGFDFWGQGTTVTVSSASTKGPSVFPLAPSSKSTSGGTAALGCLVKDYFPEPV
TVSWNSGALTSGVHTFPAVLQSSGLYSLSSVVTVPSSSLGTQTYICNVNHKPSNTKVDKKVP
;
H
2 'polypeptide(L)'
;DIQMTQSPSSLSASVGDRVTITCRSSQNIVHSNGNTYLDWYQQTPGKAPKLLIYKVSNRFSGVPSRFSGSGSGTDFTFTI
SSLQPEDIATYYCFQYSHVPWTFGQGTKLQITREVAAPSVFIFPPSDEQLKSGTASVVCLLNNFYPREAKVQWKVDNALQ
SGNSQESVTEQDSKDSTYSLSSTLTLSKADYEKHKVYACEVTHQGLSSPVTKSFNRGEC
;
L
#
loop_
_chem_comp.id
_chem_comp.type
_chem_comp.name
_chem_comp.formula
1PE non-polymer 'PENTAETHYLENE GLYCOL' 'C10 H22 O6'
PEG non-polymer DI(HYDROXYETHYL)ETHER 'C4 H10 O3'
#
# COMPACT_ATOMS: atom_id res chain seq x y z
N GLN A 6 11.91 6.10 7.74
CA GLN A 6 11.63 4.69 7.36
C GLN A 6 10.74 4.01 8.41
N SER A 7 9.86 3.15 7.94
CA SER A 7 8.78 2.71 8.77
C SER A 7 9.32 1.53 9.55
N GLY A 8 8.64 1.13 10.62
CA GLY A 8 9.08 -0.05 11.37
C GLY A 8 8.37 -1.29 10.86
N ALA A 9 8.74 -2.41 11.43
CA ALA A 9 8.13 -3.66 11.06
C ALA A 9 8.35 -4.66 12.19
N GLU A 10 7.28 -5.16 12.78
CA GLU A 10 7.38 -6.20 13.82
C GLU A 10 6.38 -7.36 13.59
N VAL A 11 6.74 -8.53 14.11
CA VAL A 11 5.90 -9.70 14.09
C VAL A 11 5.53 -9.99 15.51
N LYS A 12 4.26 -10.31 15.78
CA LYS A 12 3.84 -10.57 17.15
C LYS A 12 2.98 -11.81 17.14
N LYS A 13 3.09 -12.63 18.18
CA LYS A 13 2.33 -13.86 18.23
C LYS A 13 0.91 -13.63 18.65
N PRO A 14 0.01 -14.43 18.09
CA PRO A 14 -1.41 -14.29 18.44
C PRO A 14 -1.61 -14.27 19.96
N GLY A 15 -2.35 -13.27 20.46
CA GLY A 15 -2.70 -13.18 21.88
C GLY A 15 -1.92 -12.06 22.56
N SER A 16 -0.79 -11.65 21.96
CA SER A 16 0.07 -10.68 22.63
C SER A 16 -0.39 -9.30 22.32
N SER A 17 0.41 -8.30 22.71
CA SER A 17 0.05 -6.91 22.49
C SER A 17 1.14 -6.21 21.69
N VAL A 18 0.80 -5.16 20.96
CA VAL A 18 1.82 -4.39 20.31
C VAL A 18 1.70 -2.93 20.79
N LYS A 19 2.84 -2.27 20.96
CA LYS A 19 2.82 -0.88 21.33
C LYS A 19 3.63 -0.11 20.30
N VAL A 20 3.03 0.94 19.71
CA VAL A 20 3.64 1.70 18.62
C VAL A 20 3.79 3.15 19.06
N SER A 21 4.89 3.80 18.67
CA SER A 21 5.06 5.22 19.03
C SER A 21 5.08 6.11 17.83
N CYS A 22 4.82 7.38 18.05
CA CYS A 22 4.75 8.38 17.00
C CYS A 22 5.49 9.66 17.48
N LYS A 23 6.57 9.97 16.79
CA LYS A 23 7.33 11.19 17.06
C LYS A 23 6.74 12.37 16.30
N ALA A 24 6.46 13.45 17.00
CA ALA A 24 5.89 14.62 16.36
C ALA A 24 6.63 15.81 16.97
N SER A 25 6.13 17.01 16.80
CA SER A 25 6.85 18.18 17.33
C SER A 25 6.06 18.95 18.39
N GLY A 26 6.77 19.86 19.06
CA GLY A 26 6.11 20.80 19.95
C GLY A 26 4.90 21.47 19.30
N TYR A 27 5.03 21.89 18.05
CA TYR A 27 3.95 22.61 17.43
C TYR A 27 2.74 21.69 17.17
N THR A 28 3.01 20.44 16.81
CA THR A 28 1.96 19.45 16.65
C THR A 28 1.23 19.19 17.99
N PHE A 29 1.95 18.98 19.08
CA PHE A 29 1.29 18.71 20.37
C PHE A 29 0.45 19.90 20.87
N THR A 30 0.71 21.12 20.39
CA THR A 30 -0.03 22.31 20.82
C THR A 30 -1.26 22.60 19.94
N ASN A 31 -1.18 22.24 18.66
CA ASN A 31 -2.07 22.78 17.66
C ASN A 31 -2.93 21.76 16.93
N TYR A 32 -2.59 20.47 17.09
CA TYR A 32 -3.35 19.40 16.44
C TYR A 32 -3.85 18.31 17.39
N TYR A 33 -4.88 17.63 16.91
CA TYR A 33 -5.36 16.43 17.53
C TYR A 33 -4.60 15.31 16.84
N ILE A 34 -4.15 14.37 17.66
CA ILE A 34 -3.33 13.29 17.20
C ILE A 34 -4.09 12.00 17.31
N TYR A 35 -4.13 11.25 16.23
CA TYR A 35 -4.97 10.06 16.20
C TYR A 35 -4.34 8.94 15.41
N TRP A 36 -4.77 7.73 15.75
CA TRP A 36 -4.14 6.56 15.25
C TRP A 36 -5.02 5.90 14.20
N VAL A 37 -4.41 5.49 13.10
CA VAL A 37 -5.14 4.85 12.04
C VAL A 37 -4.43 3.55 11.69
N ARG A 38 -5.17 2.56 11.16
CA ARG A 38 -4.52 1.37 10.66
C ARG A 38 -5.08 0.99 9.30
N GLN A 39 -4.32 0.19 8.59
CA GLN A 39 -4.69 -0.22 7.25
C GLN A 39 -4.26 -1.65 6.95
N ALA A 40 -5.18 -2.61 6.99
CA ALA A 40 -4.82 -4.02 6.68
C ALA A 40 -4.44 -4.11 5.22
N PRO A 41 -3.59 -5.09 4.89
CA PRO A 41 -3.08 -5.38 3.54
C PRO A 41 -4.17 -5.42 2.51
N GLY A 42 -4.15 -4.52 1.53
CA GLY A 42 -5.15 -4.57 0.47
C GLY A 42 -6.46 -3.87 0.81
N GLN A 43 -6.67 -3.59 2.10
CA GLN A 43 -7.94 -3.05 2.63
C GLN A 43 -8.02 -1.54 2.79
N GLY A 44 -8.93 -1.09 3.65
CA GLY A 44 -9.24 0.33 3.82
C GLY A 44 -8.67 0.98 5.05
N LEU A 45 -8.81 2.29 5.20
CA LEU A 45 -8.28 2.98 6.37
C LEU A 45 -9.27 2.85 7.54
N GLU A 46 -8.76 2.58 8.73
CA GLU A 46 -9.62 2.31 9.86
C GLU A 46 -9.23 3.16 11.09
N TRP A 47 -10.18 3.91 11.64
CA TRP A 47 -9.92 4.84 12.72
C TRP A 47 -9.93 4.13 14.09
N ILE A 48 -8.80 4.22 14.81
CA ILE A 48 -8.70 3.56 16.08
C ILE A 48 -9.12 4.47 17.21
N GLY A 49 -8.58 5.67 17.24
CA GLY A 49 -8.79 6.55 18.37
C GLY A 49 -7.84 7.70 18.39
N GLY A 50 -8.09 8.67 19.25
CA GLY A 50 -7.21 9.79 19.31
C GLY A 50 -7.14 10.38 20.69
N ILE A 51 -6.26 11.39 20.81
CA ILE A 51 -6.04 12.10 22.06
C ILE A 51 -5.81 13.58 21.73
N ASN A 52 -6.41 14.46 22.52
CA ASN A 52 -5.99 15.86 22.48
C ASN A 52 -4.82 16.00 23.41
N PRO A 53 -3.63 16.30 22.87
CA PRO A 53 -2.44 16.33 23.73
C PRO A 53 -2.36 17.58 24.61
N THR A 54 -3.24 18.53 24.41
CA THR A 54 -3.24 19.62 25.35
C THR A 54 -4.08 19.17 26.53
N SER A 55 -5.27 18.68 26.24
CA SER A 55 -6.23 18.21 27.24
C SER A 55 -5.87 16.90 27.93
N GLY A 56 -5.30 15.94 27.21
CA GLY A 56 -5.21 14.59 27.74
C GLY A 56 -6.45 13.71 27.56
N GLY A 57 -7.56 14.27 27.13
CA GLY A 57 -8.74 13.45 26.85
C GLY A 57 -8.66 12.74 25.50
N SER A 58 -9.07 11.48 25.50
CA SER A 58 -9.00 10.69 24.29
C SER A 58 -10.37 10.11 23.85
N ASN A 59 -10.38 9.42 22.72
CA ASN A 59 -11.62 8.95 22.18
C ASN A 59 -11.30 7.74 21.36
N PHE A 60 -12.17 6.74 21.41
CA PHE A 60 -11.92 5.50 20.73
C PHE A 60 -13.07 5.09 19.87
N ASN A 61 -12.69 4.31 18.87
CA ASN A 61 -13.57 3.48 18.16
C ASN A 61 -14.04 2.35 19.10
N GLU A 62 -15.36 2.19 19.18
CA GLU A 62 -16.00 1.15 20.00
C GLU A 62 -15.41 -0.27 19.83
N LYS A 63 -15.10 -0.63 18.59
CA LYS A 63 -14.41 -1.87 18.26
C LYS A 63 -13.11 -2.09 19.09
N PHE A 64 -12.43 -1.01 19.48
CA PHE A 64 -11.17 -1.10 20.21
C PHE A 64 -11.28 -0.58 21.62
N LYS A 65 -12.47 -0.13 22.00
CA LYS A 65 -12.70 0.30 23.37
C LYS A 65 -11.98 -0.52 24.49
N THR A 66 -12.04 -1.86 24.51
CA THR A 66 -11.38 -2.61 25.61
C THR A 66 -9.97 -3.16 25.35
N ARG A 67 -9.39 -2.88 24.21
CA ARG A 67 -8.16 -3.56 23.90
C ARG A 67 -7.10 -2.58 23.37
N VAL A 68 -7.46 -1.30 23.34
CA VAL A 68 -6.53 -0.27 22.96
C VAL A 68 -6.35 0.79 24.04
N THR A 69 -5.13 1.22 24.28
CA THR A 69 -4.89 2.48 24.99
C THR A 69 -4.10 3.45 24.11
N ILE A 70 -4.38 4.76 24.26
CA ILE A 70 -3.63 5.81 23.53
C ILE A 70 -3.14 6.85 24.53
N THR A 71 -1.87 7.18 24.45
CA THR A 71 -1.32 8.14 25.38
C THR A 71 -0.41 9.10 24.61
N ALA A 72 0.12 10.10 25.31
CA ALA A 72 0.88 11.15 24.68
C ALA A 72 1.84 11.78 25.70
N ASP A 73 3.13 11.84 25.38
CA ASP A 73 4.14 12.32 26.32
C ASP A 73 4.48 13.77 25.94
N GLU A 74 4.16 14.70 26.82
CA GLU A 74 4.29 16.12 26.50
C GLU A 74 5.75 16.49 26.30
N SER A 75 6.60 16.10 27.26
CA SER A 75 7.97 16.58 27.19
C SER A 75 8.77 16.04 26.01
N SER A 76 8.54 14.80 25.60
CA SER A 76 9.24 14.31 24.41
C SER A 76 8.38 14.38 23.14
N THR A 77 7.17 14.93 23.27
CA THR A 77 6.14 14.93 22.19
C THR A 77 6.12 13.66 21.33
N THR A 78 5.82 12.55 21.99
CA THR A 78 5.69 11.26 21.35
C THR A 78 4.32 10.79 21.77
N ALA A 79 3.61 10.08 20.90
CA ALA A 79 2.23 9.65 21.15
C ALA A 79 2.22 8.12 21.00
N TYR A 80 1.35 7.44 21.72
CA TYR A 80 1.46 6.00 21.79
C TYR A 80 0.09 5.33 21.64
N MET A 81 0.14 4.10 21.16
CA MET A 81 -1.02 3.30 20.97
C MET A 81 -0.59 1.88 21.39
N GLU A 82 -1.38 1.19 22.18
CA GLU A 82 -1.02 -0.16 22.46
C GLU A 82 -2.26 -1.00 22.26
N LEU A 83 -2.19 -1.95 21.32
CA LEU A 83 -3.30 -2.85 21.02
C LEU A 83 -3.05 -4.22 21.64
N SER A 84 -4.00 -4.72 22.44
CA SER A 84 -3.80 -6.01 23.11
C SER A 84 -4.62 -7.10 22.45
N SER A 85 -4.30 -8.35 22.80
CA SER A 85 -5.01 -9.51 22.26
C SER A 85 -4.95 -9.59 20.74
N LEU A 86 -3.74 -9.58 20.22
CA LEU A 86 -3.55 -9.54 18.81
C LEU A 86 -4.03 -10.80 18.14
N ARG A 87 -4.76 -10.58 17.06
CA ARG A 87 -5.37 -11.62 16.31
C ARG A 87 -4.81 -11.47 14.92
N SER A 88 -4.86 -12.54 14.18
CA SER A 88 -4.43 -12.53 12.83
C SER A 88 -4.99 -11.35 12.04
N GLU A 89 -6.21 -10.92 12.33
CA GLU A 89 -6.79 -9.87 11.52
C GLU A 89 -6.38 -8.47 11.93
N ASP A 90 -5.55 -8.35 12.97
CA ASP A 90 -4.95 -7.07 13.31
C ASP A 90 -3.70 -6.81 12.51
N THR A 91 -3.25 -7.78 11.74
CA THR A 91 -2.17 -7.54 10.78
C THR A 91 -2.51 -6.31 9.95
N ALA A 92 -1.79 -5.23 10.20
CA ALA A 92 -2.07 -3.98 9.52
C ALA A 92 -0.77 -3.16 9.56
N PHE A 93 -0.82 -1.99 8.92
CA PHE A 93 0.14 -0.92 9.06
C PHE A 93 -0.50 0.13 10.00
N TYR A 94 0.11 0.36 11.17
CA TYR A 94 -0.35 1.33 12.17
C TYR A 94 0.47 2.62 12.11
N PHE A 95 -0.19 3.76 12.11
CA PHE A 95 0.48 5.04 11.96
C PHE A 95 -0.37 6.13 12.59
N CYS A 96 0.31 7.18 12.98
CA CYS A 96 -0.42 8.20 13.63
C CYS A 96 -0.61 9.39 12.68
N THR A 97 -1.50 10.29 13.05
CA THR A 97 -1.99 11.22 12.04
C THR A 97 -2.56 12.44 12.79
N ARG A 98 -2.73 13.56 12.11
CA ARG A 98 -3.12 14.79 12.83
C ARG A 98 -4.14 15.72 12.13
N GLN A 99 -5.01 16.34 12.93
CA GLN A 99 -6.01 17.35 12.48
C GLN A 99 -5.90 18.60 13.33
N GLY A 100 -6.00 19.75 12.67
CA GLY A 100 -5.87 21.02 13.36
C GLY A 100 -6.91 21.13 14.43
N LEU A 101 -6.50 21.63 15.58
CA LEU A 101 -7.45 21.94 16.62
C LEU A 101 -8.22 23.20 16.22
N TRP A 102 -7.56 24.15 15.56
CA TRP A 102 -8.21 25.44 15.35
C TRP A 102 -8.03 26.02 13.95
N PHE A 103 -7.55 25.22 12.99
CA PHE A 103 -7.54 25.58 11.58
C PHE A 103 -7.97 24.38 10.67
N ASP A 104 -8.32 24.68 9.44
CA ASP A 104 -8.88 23.71 8.53
C ASP A 104 -7.86 22.63 8.20
N SER A 105 -8.34 21.55 7.60
CA SER A 105 -7.49 20.52 7.03
C SER A 105 -6.45 21.19 6.16
N ASP A 106 -5.20 20.75 6.28
CA ASP A 106 -4.05 21.46 5.66
C ASP A 106 -3.14 20.58 4.79
N GLY A 107 -3.53 19.32 4.57
CA GLY A 107 -2.70 18.46 3.73
C GLY A 107 -1.50 17.91 4.49
N ARG A 108 -1.36 18.30 5.75
CA ARG A 108 -0.23 17.79 6.54
C ARG A 108 -0.64 16.67 7.50
N GLY A 109 -1.89 16.29 7.40
CA GLY A 109 -2.45 15.24 8.20
C GLY A 109 -1.67 13.95 8.21
N PHE A 110 -1.10 13.57 7.05
CA PHE A 110 -0.48 12.24 6.92
C PHE A 110 1.05 12.17 6.87
N ASP A 111 1.68 13.25 7.30
CA ASP A 111 3.13 13.39 7.31
C ASP A 111 3.86 12.33 8.15
N PHE A 112 3.19 11.72 9.14
CA PHE A 112 3.87 10.68 9.95
C PHE A 112 3.66 9.25 9.45
N TRP A 113 3.05 9.11 8.27
CA TRP A 113 2.75 7.80 7.73
C TRP A 113 4.02 6.94 7.56
N GLY A 114 5.08 7.59 7.07
CA GLY A 114 6.33 6.90 6.82
C GLY A 114 7.00 6.40 8.10
N GLN A 115 6.62 6.98 9.24
CA GLN A 115 7.09 6.54 10.55
C GLN A 115 6.34 5.31 11.07
N GLY A 116 5.27 4.88 10.40
CA GLY A 116 4.40 3.82 10.97
C GLY A 116 5.10 2.49 11.02
N THR A 117 4.39 1.47 11.50
CA THR A 117 4.89 0.09 11.66
C THR A 117 3.94 -0.92 11.02
N THR A 118 4.54 -1.79 10.21
CA THR A 118 3.83 -2.87 9.61
C THR A 118 3.87 -3.95 10.66
N VAL A 119 2.73 -4.27 11.23
CA VAL A 119 2.64 -5.30 12.28
C VAL A 119 2.03 -6.56 11.73
N THR A 120 2.75 -7.68 11.86
CA THR A 120 2.25 -8.95 11.46
C THR A 120 2.00 -9.83 12.68
N VAL A 121 0.82 -10.39 12.78
CA VAL A 121 0.48 -11.25 13.88
C VAL A 121 0.57 -12.66 13.39
N SER A 122 1.59 -13.37 13.83
CA SER A 122 1.86 -14.69 13.31
C SER A 122 2.80 -15.41 14.24
N SER A 123 2.74 -16.73 14.26
CA SER A 123 3.64 -17.56 15.05
C SER A 123 4.95 -17.90 14.34
N ALA A 124 5.08 -17.48 13.09
CA ALA A 124 6.26 -17.82 12.30
C ALA A 124 7.41 -16.95 12.78
N SER A 125 8.64 -17.34 12.54
CA SER A 125 9.71 -16.52 13.07
C SER A 125 10.36 -15.64 12.03
N THR A 126 11.22 -14.73 12.49
CA THR A 126 11.89 -13.81 11.57
C THR A 126 12.98 -14.51 10.77
N LYS A 127 13.13 -14.18 9.50
CA LYS A 127 14.20 -14.73 8.68
C LYS A 127 14.59 -13.72 7.62
N GLY A 128 15.90 -13.47 7.48
CA GLY A 128 16.38 -12.56 6.44
C GLY A 128 16.27 -13.24 5.09
N PRO A 129 16.19 -12.47 4.02
CA PRO A 129 16.17 -13.09 2.69
C PRO A 129 17.57 -13.24 2.08
N SER A 130 17.68 -14.15 1.11
CA SER A 130 18.78 -14.16 0.19
C SER A 130 18.35 -13.43 -1.05
N VAL A 131 19.29 -12.69 -1.64
CA VAL A 131 19.07 -11.93 -2.85
C VAL A 131 19.90 -12.53 -3.97
N PHE A 132 19.26 -13.03 -5.01
CA PHE A 132 19.96 -13.61 -6.17
C PHE A 132 19.76 -12.72 -7.43
N PRO A 133 20.79 -12.65 -8.29
CA PRO A 133 20.65 -11.82 -9.50
C PRO A 133 19.80 -12.49 -10.56
N LEU A 134 19.03 -11.71 -11.30
CA LEU A 134 18.40 -12.18 -12.55
C LEU A 134 19.19 -11.63 -13.74
N ALA A 135 20.12 -12.43 -14.27
CA ALA A 135 20.97 -11.99 -15.37
C ALA A 135 20.20 -11.91 -16.68
N PRO A 136 20.39 -10.81 -17.42
CA PRO A 136 19.86 -10.68 -18.76
C PRO A 136 20.14 -11.94 -19.60
N ALA A 146 16.31 -5.20 -23.02
CA ALA A 146 16.35 -6.35 -22.10
C ALA A 146 16.03 -6.00 -20.64
N ALA A 147 15.87 -7.05 -19.85
CA ALA A 147 15.37 -6.93 -18.50
C ALA A 147 16.30 -7.69 -17.54
N LEU A 148 16.75 -7.02 -16.50
CA LEU A 148 17.53 -7.68 -15.45
C LEU A 148 16.84 -7.38 -14.13
N GLY A 149 17.29 -8.01 -13.05
CA GLY A 149 16.67 -7.76 -11.75
C GLY A 149 17.27 -8.54 -10.60
N CYS A 150 16.48 -8.70 -9.55
CA CYS A 150 16.88 -9.47 -8.38
C CYS A 150 15.72 -10.32 -7.89
N LEU A 151 16.00 -11.60 -7.65
CA LEU A 151 15.10 -12.43 -6.89
C LEU A 151 15.42 -12.28 -5.38
N VAL A 152 14.41 -11.92 -4.58
CA VAL A 152 14.55 -11.78 -3.12
C VAL A 152 13.78 -12.87 -2.41
N LYS A 153 14.45 -13.91 -1.95
CA LYS A 153 13.75 -15.12 -1.57
C LYS A 153 13.92 -15.49 -0.09
N ASP A 154 12.81 -15.96 0.49
CA ASP A 154 12.85 -16.65 1.73
C ASP A 154 12.93 -15.82 3.02
N TYR A 155 12.14 -14.75 3.11
CA TYR A 155 12.11 -13.93 4.31
C TYR A 155 10.74 -13.87 5.01
N PHE A 156 10.78 -13.48 6.27
CA PHE A 156 9.59 -13.28 7.05
C PHE A 156 9.97 -12.31 8.18
N PRO A 157 9.11 -11.34 8.47
CA PRO A 157 7.84 -10.99 7.82
C PRO A 157 7.98 -10.00 6.64
N GLU A 158 6.87 -9.42 6.21
CA GLU A 158 6.85 -8.28 5.27
C GLU A 158 7.19 -6.99 5.99
N PRO A 159 7.70 -5.98 5.27
CA PRO A 159 8.08 -5.92 3.86
C PRO A 159 9.59 -6.01 3.69
N VAL A 160 10.04 -6.06 2.45
CA VAL A 160 11.40 -5.75 2.11
C VAL A 160 11.38 -4.45 1.29
N THR A 161 12.46 -3.67 1.33
CA THR A 161 12.53 -2.51 0.45
C THR A 161 13.54 -2.78 -0.60
N VAL A 162 13.17 -2.54 -1.86
CA VAL A 162 14.12 -2.70 -2.94
C VAL A 162 14.40 -1.37 -3.63
N SER A 163 15.67 -1.16 -3.96
CA SER A 163 16.14 0.04 -4.64
C SER A 163 17.12 -0.36 -5.73
N TRP A 164 17.21 0.43 -6.79
CA TRP A 164 18.25 0.23 -7.79
C TRP A 164 19.21 1.41 -7.81
N ASN A 165 20.51 1.12 -7.77
CA ASN A 165 21.52 2.18 -7.72
C ASN A 165 21.21 3.21 -6.65
N SER A 166 20.79 2.74 -5.47
CA SER A 166 20.59 3.60 -4.32
C SER A 166 19.55 4.68 -4.56
N GLY A 167 18.65 4.41 -5.52
CA GLY A 167 17.57 5.33 -5.83
C GLY A 167 17.90 6.23 -6.98
N ALA A 168 19.03 6.00 -7.64
CA ALA A 168 19.34 6.74 -8.87
C ALA A 168 18.36 6.30 -9.96
N LEU A 169 18.28 4.99 -10.15
CA LEU A 169 17.46 4.33 -11.16
C LEU A 169 16.02 4.20 -10.67
N THR A 170 15.07 4.35 -11.58
CA THR A 170 13.66 4.49 -11.20
C THR A 170 12.74 4.08 -12.35
N SER A 171 13.01 4.64 -13.52
CA SER A 171 12.23 4.37 -14.71
C SER A 171 12.35 2.92 -15.11
N GLY A 172 11.22 2.28 -15.34
CA GLY A 172 11.21 0.95 -15.86
C GLY A 172 11.33 -0.07 -14.75
N VAL A 173 11.25 0.36 -13.49
CA VAL A 173 11.37 -0.58 -12.36
C VAL A 173 10.02 -1.17 -12.00
N HIS A 174 9.96 -2.48 -11.86
CA HIS A 174 8.81 -3.16 -11.30
C HIS A 174 9.26 -4.07 -10.16
N THR A 175 8.79 -3.74 -8.96
CA THR A 175 8.97 -4.57 -7.78
C THR A 175 7.63 -5.25 -7.43
N PHE A 176 7.53 -6.57 -7.58
CA PHE A 176 6.29 -7.29 -7.43
C PHE A 176 5.86 -7.42 -5.98
N PRO A 177 4.53 -7.48 -5.74
CA PRO A 177 4.01 -7.76 -4.40
C PRO A 177 4.56 -9.10 -4.00
N ALA A 178 4.90 -9.26 -2.74
CA ALA A 178 5.42 -10.52 -2.27
C ALA A 178 4.34 -11.61 -2.38
N VAL A 179 4.75 -12.86 -2.48
CA VAL A 179 3.81 -13.97 -2.36
C VAL A 179 4.26 -14.97 -1.32
N LEU A 180 3.30 -15.37 -0.47
CA LEU A 180 3.58 -16.36 0.54
C LEU A 180 3.81 -17.68 -0.20
N GLN A 181 5.01 -18.25 -0.04
CA GLN A 181 5.38 -19.51 -0.63
C GLN A 181 4.92 -20.67 0.25
N SER A 182 4.80 -21.84 -0.37
CA SER A 182 4.41 -23.04 0.33
C SER A 182 5.09 -23.19 1.70
N SER A 183 6.31 -22.68 1.86
CA SER A 183 7.07 -22.80 3.10
C SER A 183 6.62 -21.86 4.21
N GLY A 184 5.70 -20.97 3.91
CA GLY A 184 5.29 -20.01 4.92
C GLY A 184 6.21 -18.80 4.90
N LEU A 185 7.11 -18.75 3.93
CA LEU A 185 8.06 -17.64 3.79
C LEU A 185 7.70 -16.85 2.55
N TYR A 186 8.10 -15.59 2.53
CA TYR A 186 7.85 -14.72 1.38
C TYR A 186 8.91 -14.75 0.34
N SER A 187 8.53 -14.38 -0.87
CA SER A 187 9.46 -14.23 -1.97
C SER A 187 8.98 -13.15 -2.92
N LEU A 188 9.91 -12.42 -3.52
CA LEU A 188 9.51 -11.56 -4.63
C LEU A 188 10.68 -11.34 -5.58
N SER A 189 10.38 -10.70 -6.70
CA SER A 189 11.38 -10.27 -7.68
C SER A 189 11.21 -8.79 -7.98
N SER A 190 12.31 -8.17 -8.37
CA SER A 190 12.30 -6.76 -8.75
C SER A 190 13.10 -6.65 -10.03
N VAL A 191 12.54 -5.94 -11.01
CA VAL A 191 13.15 -5.91 -12.33
C VAL A 191 13.19 -4.53 -12.88
N VAL A 192 13.90 -4.41 -13.99
CA VAL A 192 14.06 -3.16 -14.70
C VAL A 192 14.54 -3.48 -16.10
N THR A 193 14.10 -2.68 -17.05
CA THR A 193 14.54 -2.82 -18.40
C THR A 193 15.48 -1.68 -18.71
N VAL A 194 16.54 -2.00 -19.46
CA VAL A 194 17.46 -1.01 -20.00
C VAL A 194 17.89 -1.52 -21.37
N PRO A 195 18.74 -0.77 -22.10
CA PRO A 195 19.16 -1.25 -23.42
C PRO A 195 20.36 -2.20 -23.34
N GLN A 202 27.34 1.41 -17.95
CA GLN A 202 26.51 1.61 -16.76
C GLN A 202 26.43 0.33 -15.93
N THR A 203 26.52 0.47 -14.61
CA THR A 203 26.54 -0.70 -13.75
C THR A 203 25.26 -0.77 -12.91
N TYR A 204 24.71 -1.96 -12.74
CA TYR A 204 23.41 -2.07 -12.07
C TYR A 204 23.39 -2.87 -10.76
N ILE A 205 23.10 -2.17 -9.68
CA ILE A 205 23.08 -2.76 -8.34
C ILE A 205 21.70 -2.81 -7.67
N CYS A 206 21.46 -3.93 -7.00
CA CYS A 206 20.31 -4.14 -6.12
C CYS A 206 20.49 -3.61 -4.71
N ASN A 207 19.55 -2.84 -4.20
CA ASN A 207 19.57 -2.49 -2.79
C ASN A 207 18.37 -3.07 -2.08
N VAL A 208 18.59 -4.14 -1.34
CA VAL A 208 17.52 -4.82 -0.63
C VAL A 208 17.69 -4.71 0.87
N ASN A 209 16.72 -4.17 1.58
CA ASN A 209 16.82 -4.36 3.00
C ASN A 209 15.57 -4.77 3.74
N HIS A 210 15.76 -5.63 4.75
CA HIS A 210 14.69 -6.21 5.52
C HIS A 210 14.96 -5.90 6.99
N LYS A 211 14.33 -4.85 7.50
CA LYS A 211 14.55 -4.41 8.87
C LYS A 211 14.40 -5.52 9.97
N PRO A 212 13.35 -6.35 9.91
CA PRO A 212 13.25 -7.31 11.05
C PRO A 212 14.46 -8.25 11.22
N SER A 213 15.33 -8.34 10.24
CA SER A 213 16.43 -9.25 10.37
C SER A 213 17.74 -8.51 10.18
N ASN A 214 17.64 -7.17 10.12
CA ASN A 214 18.79 -6.29 9.83
C ASN A 214 19.58 -6.77 8.63
N THR A 215 18.89 -7.17 7.59
CA THR A 215 19.52 -7.38 6.30
C THR A 215 19.44 -6.11 5.46
N LYS A 216 20.59 -5.78 4.90
CA LYS A 216 20.72 -4.62 4.06
C LYS A 216 21.85 -5.00 3.14
N VAL A 217 21.51 -5.42 1.93
CA VAL A 217 22.46 -5.96 0.98
C VAL A 217 22.51 -5.08 -0.24
N ASP A 218 23.43 -5.39 -1.14
CA ASP A 218 23.55 -4.69 -2.41
C ASP A 218 24.11 -5.57 -3.52
N LYS A 219 23.26 -6.15 -4.35
CA LYS A 219 23.75 -7.03 -5.39
C LYS A 219 24.07 -6.35 -6.72
N LYS A 220 25.22 -6.72 -7.25
CA LYS A 220 25.66 -6.27 -8.54
C LYS A 220 25.00 -7.19 -9.56
N VAL A 221 24.31 -6.60 -10.54
CA VAL A 221 23.72 -7.38 -11.61
C VAL A 221 24.51 -7.25 -12.92
N PRO A 222 25.13 -8.37 -13.37
CA PRO A 222 26.04 -8.49 -14.53
C PRO A 222 25.52 -9.39 -15.68
N ASP B 1 -23.01 6.91 17.02
CA ASP B 1 -21.77 6.87 16.18
C ASP B 1 -22.05 6.66 14.67
N ILE B 2 -21.66 7.69 13.89
CA ILE B 2 -21.88 7.79 12.46
C ILE B 2 -21.15 6.81 11.57
N GLN B 3 -21.89 6.21 10.64
CA GLN B 3 -21.36 5.25 9.66
C GLN B 3 -21.34 5.99 8.33
N MET B 4 -20.29 5.79 7.55
CA MET B 4 -20.16 6.43 6.25
C MET B 4 -20.16 5.32 5.20
N THR B 5 -21.26 5.17 4.48
CA THR B 5 -21.34 4.18 3.42
C THR B 5 -20.88 4.81 2.13
N GLN B 6 -19.75 4.32 1.63
CA GLN B 6 -19.17 4.86 0.43
C GLN B 6 -19.48 3.99 -0.77
N SER B 7 -19.76 4.59 -1.92
CA SER B 7 -20.16 3.77 -3.05
C SER B 7 -19.81 4.44 -4.36
N PRO B 8 -19.33 3.68 -5.35
CA PRO B 8 -19.00 2.25 -5.30
C PRO B 8 -17.72 1.91 -4.55
N SER B 9 -17.62 0.66 -4.12
CA SER B 9 -16.40 0.24 -3.47
C SER B 9 -15.28 -0.03 -4.48
N SER B 10 -15.66 -0.23 -5.74
CA SER B 10 -14.67 -0.34 -6.83
C SER B 10 -15.34 -0.14 -8.14
N LEU B 11 -14.59 0.36 -9.12
CA LEU B 11 -15.09 0.59 -10.46
C LEU B 11 -13.98 0.64 -11.51
N SER B 12 -14.43 0.43 -12.75
CA SER B 12 -13.56 0.45 -13.89
C SER B 12 -14.00 1.57 -14.80
N ALA B 13 -13.06 2.41 -15.17
CA ALA B 13 -13.32 3.51 -16.05
C ALA B 13 -12.06 3.79 -16.87
N SER B 14 -12.27 4.53 -17.95
CA SER B 14 -11.22 4.88 -18.89
C SER B 14 -10.76 6.31 -18.68
N VAL B 15 -9.54 6.59 -19.14
CA VAL B 15 -9.07 7.95 -19.33
C VAL B 15 -10.13 8.80 -20.05
N GLY B 16 -10.44 9.98 -19.54
CA GLY B 16 -11.48 10.78 -20.17
C GLY B 16 -12.83 10.67 -19.49
N ASP B 17 -13.15 9.55 -18.85
CA ASP B 17 -14.47 9.42 -18.23
C ASP B 17 -14.64 10.29 -17.01
N ARG B 18 -15.88 10.67 -16.75
CA ARG B 18 -16.25 11.22 -15.47
C ARG B 18 -16.32 10.08 -14.48
N VAL B 19 -15.81 10.31 -13.28
CA VAL B 19 -15.98 9.35 -12.20
C VAL B 19 -16.75 10.00 -11.05
N THR B 20 -17.71 9.27 -10.51
CA THR B 20 -18.62 9.81 -9.51
C THR B 20 -18.75 8.86 -8.33
N ILE B 21 -18.26 9.33 -7.18
CA ILE B 21 -18.25 8.54 -5.94
C ILE B 21 -19.12 9.23 -4.93
N THR B 22 -19.91 8.46 -4.18
CA THR B 22 -20.72 9.02 -3.09
C THR B 22 -20.39 8.42 -1.69
N CYS B 23 -20.50 9.25 -0.65
CA CYS B 23 -20.48 8.82 0.76
C CYS B 23 -21.78 9.27 1.41
N ARG B 24 -22.54 8.31 1.93
CA ARG B 24 -23.72 8.57 2.69
C ARG B 24 -23.42 8.39 4.21
N SER B 25 -23.71 9.43 4.98
CA SER B 25 -23.60 9.34 6.43
C SER B 25 -24.93 8.85 7.02
N SER B 26 -24.85 8.02 8.08
CA SER B 26 -26.04 7.37 8.68
C SER B 26 -26.88 8.42 9.37
N GLN B 27 -26.25 9.55 9.70
CA GLN B 27 -26.99 10.76 10.13
C GLN B 27 -26.39 12.07 9.58
N ASN B 28 -27.12 13.17 9.73
CA ASN B 28 -26.61 14.50 9.39
C ASN B 28 -25.26 14.73 10.03
N ILE B 29 -24.26 15.06 9.23
CA ILE B 29 -22.98 15.39 9.82
C ILE B 29 -22.72 16.89 9.85
N VAL B 30 -23.73 17.72 9.57
CA VAL B 30 -23.57 19.18 9.70
C VAL B 30 -23.43 19.55 11.18
N HIS B 31 -22.34 20.24 11.49
CA HIS B 31 -22.00 20.61 12.88
C HIS B 31 -22.85 21.81 13.29
N SER B 32 -23.08 22.02 14.57
CA SER B 32 -23.96 23.11 15.01
C SER B 32 -23.38 24.49 14.62
N ASN B 33 -22.07 24.56 14.39
CA ASN B 33 -21.40 25.79 13.90
C ASN B 33 -21.58 25.95 12.39
N GLY B 34 -22.44 25.14 11.77
CA GLY B 34 -22.80 25.33 10.36
C GLY B 34 -21.86 24.71 9.33
N ASN B 35 -20.76 24.09 9.77
CA ASN B 35 -19.77 23.50 8.87
C ASN B 35 -19.98 22.00 8.83
N THR B 36 -19.46 21.37 7.78
CA THR B 36 -19.57 19.93 7.56
C THR B 36 -18.16 19.35 7.43
N TYR B 37 -17.73 18.58 8.40
CA TYR B 37 -16.36 18.04 8.41
C TYR B 37 -16.22 16.72 7.64
N LEU B 38 -16.25 16.84 6.32
CA LEU B 38 -16.08 15.66 5.45
C LEU B 38 -14.98 15.96 4.47
N ASP B 39 -13.91 15.16 4.53
CA ASP B 39 -12.81 15.31 3.55
C ASP B 39 -12.73 14.13 2.54
N TRP B 40 -11.99 14.32 1.46
CA TRP B 40 -11.84 13.26 0.47
C TRP B 40 -10.37 13.05 0.20
N TYR B 41 -9.94 11.81 0.35
CA TYR B 41 -8.53 11.42 0.33
C TYR B 41 -8.21 10.47 -0.81
N GLN B 42 -6.97 10.57 -1.28
CA GLN B 42 -6.53 9.77 -2.39
C GLN B 42 -5.31 8.95 -1.99
N GLN B 43 -5.43 7.62 -2.13
CA GLN B 43 -4.31 6.75 -1.78
C GLN B 43 -3.76 6.00 -2.97
N THR B 44 -2.73 6.56 -3.57
CA THR B 44 -2.07 5.89 -4.66
C THR B 44 -1.38 4.66 -4.13
N PRO B 45 -1.04 3.74 -5.03
CA PRO B 45 -0.25 2.60 -4.55
C PRO B 45 1.25 2.95 -4.58
N GLY B 46 2.06 2.53 -3.62
CA GLY B 46 1.63 2.28 -2.28
C GLY B 46 2.27 3.46 -1.53
N LYS B 47 1.48 4.50 -1.30
CA LYS B 47 1.91 5.66 -0.54
C LYS B 47 0.91 6.07 0.57
N ALA B 48 1.24 7.20 1.18
CA ALA B 48 0.39 7.85 2.16
C ALA B 48 -0.80 8.53 1.47
N PRO B 49 -1.96 8.50 2.12
CA PRO B 49 -3.11 9.23 1.59
C PRO B 49 -2.78 10.73 1.47
N LYS B 50 -3.25 11.38 0.41
CA LYS B 50 -3.21 12.83 0.29
C LYS B 50 -4.60 13.44 0.19
N LEU B 51 -4.71 14.64 0.73
CA LEU B 51 -5.95 15.36 0.79
C LEU B 51 -6.27 15.88 -0.60
N LEU B 52 -7.52 15.76 -1.04
CA LEU B 52 -7.93 16.40 -2.29
C LEU B 52 -8.98 17.46 -1.99
N ILE B 53 -9.97 17.11 -1.18
CA ILE B 53 -11.08 17.96 -0.97
C ILE B 53 -11.33 17.95 0.53
N TYR B 54 -11.67 19.10 1.08
CA TYR B 54 -11.93 19.15 2.51
C TYR B 54 -13.19 19.93 2.77
N LYS B 55 -13.87 19.59 3.87
CA LYS B 55 -15.14 20.21 4.18
C LYS B 55 -16.09 20.20 2.99
N VAL B 56 -16.24 19.05 2.37
CA VAL B 56 -17.22 18.87 1.31
C VAL B 56 -16.73 19.37 -0.02
N SER B 57 -16.40 20.66 -0.09
CA SER B 57 -16.22 21.33 -1.42
C SER B 57 -14.89 22.09 -1.64
N ASN B 58 -14.04 22.14 -0.63
CA ASN B 58 -12.83 22.95 -0.76
C ASN B 58 -11.78 22.19 -1.50
N ARG B 59 -11.25 22.77 -2.57
CA ARG B 59 -10.20 22.04 -3.29
C ARG B 59 -8.90 22.38 -2.57
N PHE B 60 -8.21 21.38 -2.05
CA PHE B 60 -6.97 21.68 -1.34
C PHE B 60 -5.96 22.31 -2.30
N SER B 61 -5.19 23.26 -1.80
CA SER B 61 -4.17 23.93 -2.60
C SER B 61 -3.26 23.00 -3.46
N GLY B 62 -3.04 23.34 -4.72
CA GLY B 62 -2.21 22.52 -5.59
C GLY B 62 -2.93 21.34 -6.25
N VAL B 63 -4.11 20.99 -5.75
CA VAL B 63 -4.88 19.94 -6.36
C VAL B 63 -5.48 20.41 -7.68
N PRO B 64 -5.40 19.58 -8.74
CA PRO B 64 -5.92 19.89 -10.10
C PRO B 64 -7.42 20.10 -10.12
N SER B 65 -7.88 20.91 -11.06
CA SER B 65 -9.26 21.35 -11.05
C SER B 65 -10.29 20.26 -11.39
N ARG B 66 -9.85 19.11 -11.90
CA ARG B 66 -10.80 18.04 -12.26
C ARG B 66 -11.43 17.31 -11.06
N PHE B 67 -10.92 17.59 -9.85
CA PHE B 67 -11.46 17.04 -8.62
C PHE B 67 -12.43 18.03 -8.02
N SER B 68 -13.51 17.54 -7.41
CA SER B 68 -14.46 18.40 -6.71
C SER B 68 -15.33 17.49 -5.86
N GLY B 69 -16.04 18.07 -4.88
CA GLY B 69 -16.96 17.36 -3.97
C GLY B 69 -18.17 18.30 -3.82
N SER B 70 -19.37 17.78 -3.55
CA SER B 70 -20.48 18.59 -3.05
C SER B 70 -21.41 17.72 -2.31
N GLY B 71 -22.55 18.27 -1.96
CA GLY B 71 -23.51 17.50 -1.21
C GLY B 71 -23.87 18.27 0.04
N SER B 72 -24.69 17.65 0.87
CA SER B 72 -25.07 18.25 2.13
C SER B 72 -26.00 17.27 2.88
N GLY B 73 -26.29 17.58 4.14
CA GLY B 73 -26.99 16.66 5.04
C GLY B 73 -26.30 15.31 5.21
N THR B 74 -26.83 14.27 4.56
CA THR B 74 -26.27 12.94 4.66
C THR B 74 -25.71 12.46 3.33
N ASP B 75 -25.67 13.32 2.31
CA ASP B 75 -25.44 12.86 0.91
C ASP B 75 -24.31 13.61 0.23
N PHE B 76 -23.20 12.95 -0.01
CA PHE B 76 -21.97 13.64 -0.45
C PHE B 76 -21.37 12.98 -1.65
N THR B 77 -20.80 13.79 -2.55
CA THR B 77 -20.21 13.30 -3.81
C THR B 77 -18.76 13.78 -4.06
N PHE B 78 -17.97 12.91 -4.68
CA PHE B 78 -16.65 13.29 -5.06
C PHE B 78 -16.62 12.99 -6.54
N THR B 79 -16.24 14.00 -7.35
CA THR B 79 -16.17 13.86 -8.80
C THR B 79 -14.78 14.13 -9.37
N ILE B 80 -14.34 13.27 -10.30
CA ILE B 80 -13.19 13.54 -11.16
C ILE B 80 -13.82 13.85 -12.50
N SER B 81 -13.71 15.09 -12.99
CA SER B 81 -14.48 15.48 -14.17
C SER B 81 -14.02 14.68 -15.39
N SER B 82 -12.70 14.49 -15.50
CA SER B 82 -12.14 13.76 -16.62
C SER B 82 -10.91 13.03 -16.14
N LEU B 83 -10.98 11.71 -16.09
CA LEU B 83 -10.00 10.87 -15.41
C LEU B 83 -8.71 10.83 -16.21
N GLN B 84 -7.58 10.69 -15.52
CA GLN B 84 -6.28 10.50 -16.16
C GLN B 84 -5.57 9.27 -15.64
N PRO B 85 -4.52 8.84 -16.35
CA PRO B 85 -3.85 7.62 -15.89
C PRO B 85 -3.33 7.78 -14.45
N GLU B 86 -2.84 8.96 -14.09
CA GLU B 86 -2.24 9.05 -12.78
C GLU B 86 -3.27 9.03 -11.64
N ASP B 87 -4.54 8.78 -11.95
CA ASP B 87 -5.62 8.88 -10.97
C ASP B 87 -6.02 7.53 -10.44
N ILE B 88 -5.31 6.52 -10.89
CA ILE B 88 -5.46 5.15 -10.41
C ILE B 88 -5.08 5.14 -8.94
N ALA B 89 -6.05 4.79 -8.10
CA ALA B 89 -5.83 4.83 -6.64
C ALA B 89 -7.11 4.39 -5.96
N THR B 90 -7.06 4.30 -4.64
CA THR B 90 -8.22 4.11 -3.81
C THR B 90 -8.55 5.45 -3.14
N TYR B 91 -9.81 5.87 -3.27
CA TYR B 91 -10.30 7.11 -2.69
C TYR B 91 -11.16 6.80 -1.47
N TYR B 92 -11.13 7.72 -0.50
CA TYR B 92 -11.80 7.54 0.80
C TYR B 92 -12.38 8.87 1.25
N CYS B 93 -13.52 8.82 1.95
CA CYS B 93 -14.06 10.02 2.57
C CYS B 93 -13.79 9.89 4.02
N PHE B 94 -13.72 11.01 4.69
CA PHE B 94 -13.36 11.03 6.07
C PHE B 94 -14.21 12.01 6.87
N GLN B 95 -14.95 11.52 7.86
CA GLN B 95 -15.76 12.44 8.64
C GLN B 95 -15.25 12.59 10.06
N TYR B 96 -15.15 13.83 10.47
CA TYR B 96 -14.55 14.20 11.76
C TYR B 96 -15.40 15.33 12.40
N SER B 97 -16.69 15.35 12.09
CA SER B 97 -17.62 16.26 12.75
C SER B 97 -17.68 15.94 14.21
N HIS B 98 -18.14 14.72 14.55
CA HIS B 98 -18.19 14.24 15.92
C HIS B 98 -17.41 12.90 16.06
N VAL B 99 -16.74 12.67 17.20
CA VAL B 99 -16.10 11.38 17.42
C VAL B 99 -17.18 10.35 17.69
N PRO B 100 -16.92 9.10 17.34
CA PRO B 100 -15.71 8.57 16.73
C PRO B 100 -15.59 8.97 15.25
N TRP B 101 -14.38 9.30 14.77
CA TRP B 101 -14.26 9.67 13.36
C TRP B 101 -14.30 8.40 12.52
N THR B 102 -14.51 8.54 11.22
CA THR B 102 -14.68 7.32 10.42
C THR B 102 -14.28 7.59 9.00
N PHE B 103 -13.73 6.56 8.35
CA PHE B 103 -13.49 6.62 6.93
C PHE B 103 -14.62 5.83 6.21
N GLY B 104 -14.94 6.20 4.98
CA GLY B 104 -15.64 5.30 4.09
C GLY B 104 -14.80 4.08 3.81
N GLN B 105 -15.40 3.03 3.29
CA GLN B 105 -14.64 1.84 3.09
C GLN B 105 -13.77 1.90 1.85
N GLY B 106 -13.83 3.00 1.09
CA GLY B 106 -12.89 3.20 -0.03
C GLY B 106 -13.49 2.83 -1.37
N THR B 107 -13.05 3.52 -2.42
CA THR B 107 -13.43 3.20 -3.79
C THR B 107 -12.18 2.96 -4.52
N LYS B 108 -11.96 1.70 -4.87
CA LYS B 108 -10.78 1.33 -5.60
C LYS B 108 -10.99 1.58 -7.10
N LEU B 109 -10.16 2.44 -7.67
CA LEU B 109 -10.30 2.78 -9.09
C LEU B 109 -9.41 1.96 -9.99
N GLN B 110 -9.98 1.42 -11.06
CA GLN B 110 -9.23 0.59 -12.00
C GLN B 110 -9.47 1.20 -13.39
N ILE B 111 -8.43 1.28 -14.19
CA ILE B 111 -8.50 2.01 -15.44
C ILE B 111 -8.44 1.08 -16.67
N THR B 112 -9.40 1.16 -17.58
CA THR B 112 -9.38 0.33 -18.80
C THR B 112 -8.72 1.14 -19.92
N ARG B 113 -8.18 0.47 -20.93
CA ARG B 113 -7.42 1.08 -22.00
C ARG B 113 -7.34 0.05 -23.10
N GLU B 114 -6.56 0.33 -24.15
CA GLU B 114 -6.29 -0.61 -25.25
C GLU B 114 -5.51 -1.83 -24.83
N VAL B 115 -5.76 -2.91 -25.54
CA VAL B 115 -4.97 -4.13 -25.43
C VAL B 115 -3.49 -3.86 -25.77
N ALA B 116 -2.59 -4.25 -24.88
CA ALA B 116 -1.17 -4.19 -25.16
C ALA B 116 -0.62 -5.58 -24.90
N ALA B 117 0.10 -6.13 -25.86
CA ALA B 117 0.75 -7.45 -25.68
C ALA B 117 1.97 -7.31 -24.77
N PRO B 118 2.14 -8.26 -23.83
CA PRO B 118 3.25 -8.33 -22.89
C PRO B 118 4.55 -8.71 -23.57
N SER B 119 5.62 -7.95 -23.39
CA SER B 119 6.91 -8.43 -23.87
C SER B 119 7.56 -9.36 -22.81
N VAL B 120 7.89 -10.59 -23.21
CA VAL B 120 8.25 -11.62 -22.23
C VAL B 120 9.72 -12.10 -22.18
N PHE B 121 10.22 -12.25 -20.95
CA PHE B 121 11.58 -12.69 -20.70
C PHE B 121 11.63 -13.85 -19.71
N ILE B 122 12.56 -14.78 -19.91
CA ILE B 122 12.75 -15.88 -18.97
C ILE B 122 14.16 -15.80 -18.39
N PHE B 123 14.31 -16.24 -17.13
CA PHE B 123 15.58 -16.16 -16.40
C PHE B 123 15.79 -17.49 -15.74
N PRO B 124 16.88 -18.18 -16.09
CA PRO B 124 17.34 -19.36 -15.35
C PRO B 124 17.76 -19.01 -13.91
N PRO B 125 17.93 -20.04 -13.06
CA PRO B 125 18.37 -19.89 -11.68
C PRO B 125 19.74 -19.26 -11.55
N SER B 126 19.94 -18.50 -10.47
CA SER B 126 21.25 -17.93 -10.13
C SER B 126 22.37 -18.96 -9.98
N ASP B 127 23.57 -18.50 -10.30
CA ASP B 127 24.79 -19.15 -9.95
C ASP B 127 24.77 -19.52 -8.45
N GLU B 128 24.65 -18.48 -7.62
CA GLU B 128 24.71 -18.62 -6.18
C GLU B 128 23.57 -19.43 -5.61
N GLN B 129 22.41 -19.35 -6.25
CA GLN B 129 21.23 -20.06 -5.74
C GLN B 129 21.30 -21.58 -5.89
N LEU B 130 22.01 -22.07 -6.90
CA LEU B 130 22.14 -23.52 -7.10
C LEU B 130 22.92 -24.18 -5.95
N LYS B 131 23.90 -23.48 -5.36
CA LYS B 131 24.63 -24.04 -4.22
C LYS B 131 23.69 -24.31 -3.04
N SER B 132 22.51 -23.70 -3.06
CA SER B 132 21.56 -23.80 -1.96
C SER B 132 20.65 -25.02 -2.02
N GLY B 133 20.65 -25.77 -3.13
CA GLY B 133 19.76 -26.92 -3.24
C GLY B 133 18.39 -26.61 -3.84
N THR B 134 18.17 -25.36 -4.23
CA THR B 134 16.91 -25.00 -4.85
C THR B 134 17.18 -24.25 -6.15
N ALA B 135 16.28 -24.40 -7.11
CA ALA B 135 16.31 -23.60 -8.33
C ALA B 135 15.00 -22.82 -8.51
N SER B 136 15.14 -21.51 -8.65
CA SER B 136 14.03 -20.67 -9.07
C SER B 136 14.23 -20.18 -10.51
N VAL B 137 13.31 -20.57 -11.39
CA VAL B 137 13.30 -20.00 -12.72
C VAL B 137 12.07 -19.13 -12.93
N VAL B 138 12.34 -17.91 -13.38
CA VAL B 138 11.35 -16.85 -13.38
C VAL B 138 11.01 -16.26 -14.76
N CYS B 139 9.71 -16.03 -14.98
CA CYS B 139 9.17 -15.51 -16.25
C CYS B 139 8.56 -14.12 -16.04
N LEU B 140 8.98 -13.13 -16.83
CA LEU B 140 8.44 -11.78 -16.72
C LEU B 140 7.57 -11.44 -17.94
N LEU B 141 6.26 -11.27 -17.70
CA LEU B 141 5.37 -10.59 -18.64
C LEU B 141 5.43 -9.10 -18.37
N ASN B 142 5.87 -8.32 -19.33
CA ASN B 142 6.02 -6.91 -19.05
C ASN B 142 5.03 -5.98 -19.80
N ASN B 143 4.69 -4.88 -19.13
CA ASN B 143 3.83 -3.82 -19.64
C ASN B 143 2.68 -4.20 -20.56
N PHE B 144 1.67 -4.89 -20.03
CA PHE B 144 0.56 -5.37 -20.84
C PHE B 144 -0.84 -5.01 -20.29
N TYR B 145 -1.88 -5.28 -21.07
CA TYR B 145 -3.28 -5.02 -20.70
C TYR B 145 -4.24 -5.87 -21.56
N PRO B 146 -5.31 -6.42 -20.98
CA PRO B 146 -5.74 -6.45 -19.58
C PRO B 146 -4.91 -7.42 -18.73
N ARG B 147 -5.27 -7.60 -17.47
CA ARG B 147 -4.43 -8.42 -16.58
C ARG B 147 -4.54 -9.92 -16.79
N GLU B 148 -5.68 -10.39 -17.32
CA GLU B 148 -5.86 -11.80 -17.62
C GLU B 148 -4.84 -12.27 -18.66
N ALA B 149 -4.00 -13.21 -18.25
CA ALA B 149 -2.99 -13.81 -19.09
C ALA B 149 -2.88 -15.26 -18.67
N LYS B 150 -2.35 -16.12 -19.52
CA LYS B 150 -2.12 -17.51 -19.12
C LYS B 150 -0.67 -17.83 -19.37
N VAL B 151 -0.03 -18.39 -18.33
CA VAL B 151 1.36 -18.76 -18.38
C VAL B 151 1.45 -20.25 -17.98
N GLN B 152 1.90 -21.09 -18.92
CA GLN B 152 2.24 -22.48 -18.60
C GLN B 152 3.74 -22.72 -18.83
N TRP B 153 4.36 -23.50 -17.94
CA TRP B 153 5.82 -23.67 -17.92
C TRP B 153 6.37 -24.74 -18.84
N GLN B 160 4.34 -28.45 -16.45
CA GLN B 160 4.47 -28.23 -15.01
C GLN B 160 3.11 -27.88 -14.44
N SER B 161 2.87 -28.18 -13.17
CA SER B 161 1.63 -27.72 -12.52
C SER B 161 1.59 -28.01 -11.03
N GLY B 162 1.13 -27.05 -10.26
CA GLY B 162 1.21 -27.14 -8.82
C GLY B 162 2.52 -26.65 -8.22
N ASN B 163 3.40 -26.04 -9.03
CA ASN B 163 4.72 -25.61 -8.53
C ASN B 163 5.26 -24.27 -9.03
N SER B 164 4.39 -23.33 -9.34
CA SER B 164 4.85 -22.00 -9.70
C SER B 164 3.87 -21.02 -9.10
N GLN B 165 4.30 -19.79 -8.92
CA GLN B 165 3.44 -18.80 -8.38
C GLN B 165 3.55 -17.54 -9.20
N GLU B 166 2.48 -16.74 -9.20
CA GLU B 166 2.52 -15.45 -9.88
C GLU B 166 2.24 -14.26 -8.99
N SER B 167 2.75 -13.13 -9.45
CA SER B 167 2.54 -11.90 -8.77
C SER B 167 2.34 -10.88 -9.88
N VAL B 168 1.45 -9.91 -9.65
CA VAL B 168 1.13 -8.87 -10.61
C VAL B 168 1.27 -7.48 -9.97
N THR B 169 1.84 -6.53 -10.71
CA THR B 169 1.97 -5.16 -10.20
C THR B 169 0.65 -4.36 -10.27
N GLU B 170 0.57 -3.32 -9.48
CA GLU B 170 -0.55 -2.42 -9.59
C GLU B 170 -0.44 -1.73 -10.96
N GLN B 171 -1.54 -1.13 -11.43
CA GLN B 171 -1.52 -0.54 -12.76
C GLN B 171 -0.54 0.61 -12.77
N ASP B 172 0.14 0.78 -13.89
CA ASP B 172 1.17 1.80 -13.98
C ASP B 172 0.52 3.16 -14.08
N SER B 173 0.96 4.10 -13.25
CA SER B 173 0.27 5.36 -13.20
C SER B 173 0.43 6.13 -14.52
N LYS B 174 1.16 5.59 -15.49
CA LYS B 174 1.28 6.30 -16.78
C LYS B 174 0.71 5.56 -17.99
N ASP B 175 0.97 4.27 -18.08
CA ASP B 175 0.47 3.38 -19.15
C ASP B 175 -0.85 2.76 -18.79
N SER B 176 -1.14 2.68 -17.49
CA SER B 176 -2.23 1.81 -16.96
C SER B 176 -2.02 0.35 -17.32
N THR B 177 -0.79 -0.01 -17.67
CA THR B 177 -0.47 -1.40 -17.90
C THR B 177 -0.12 -2.14 -16.61
N TYR B 178 -0.01 -3.47 -16.71
CA TYR B 178 0.53 -4.33 -15.65
C TYR B 178 1.83 -5.06 -16.03
N SER B 179 2.53 -5.57 -15.01
CA SER B 179 3.54 -6.62 -15.22
C SER B 179 3.23 -7.84 -14.36
N LEU B 180 3.79 -8.97 -14.74
CA LEU B 180 3.49 -10.22 -14.05
C LEU B 180 4.74 -11.12 -13.99
N SER B 181 4.88 -11.84 -12.88
CA SER B 181 5.94 -12.81 -12.65
C SER B 181 5.34 -14.19 -12.49
N SER B 182 5.96 -15.17 -13.14
CA SER B 182 5.68 -16.55 -12.83
C SER B 182 6.98 -17.14 -12.33
N THR B 183 6.95 -17.75 -11.16
CA THR B 183 8.16 -18.33 -10.59
C THR B 183 8.03 -19.82 -10.50
N LEU B 184 8.82 -20.52 -11.30
CA LEU B 184 8.95 -21.94 -11.13
C LEU B 184 10.02 -22.18 -10.09
N THR B 185 9.70 -22.99 -9.09
CA THR B 185 10.75 -23.41 -8.18
C THR B 185 10.89 -24.94 -8.26
N LEU B 186 12.10 -25.41 -8.53
CA LEU B 186 12.37 -26.81 -8.32
C LEU B 186 13.61 -27.00 -7.49
N SER B 187 13.84 -28.24 -7.05
CA SER B 187 15.06 -28.57 -6.37
C SER B 187 16.19 -28.62 -7.37
N LYS B 188 17.36 -28.15 -6.97
CA LYS B 188 18.56 -28.27 -7.78
C LYS B 188 19.09 -29.67 -7.58
N ALA B 189 19.03 -30.53 -8.60
CA ALA B 189 18.60 -30.15 -9.93
C ALA B 189 18.93 -31.27 -10.95
N ASP B 190 18.15 -31.34 -12.03
CA ASP B 190 17.05 -30.42 -12.24
C ASP B 190 16.81 -28.96 -12.63
N TYR B 191 17.41 -28.05 -11.87
CA TYR B 191 17.27 -26.61 -12.13
C TYR B 191 16.50 -25.99 -13.29
N CYS B 199 8.86 -21.24 -20.88
CA CYS B 199 7.77 -20.29 -20.55
C CYS B 199 6.87 -19.88 -21.74
N GLU B 200 5.62 -20.31 -21.74
CA GLU B 200 4.67 -19.95 -22.81
C GLU B 200 3.45 -19.18 -22.32
N VAL B 201 3.15 -18.11 -23.04
CA VAL B 201 2.18 -17.11 -22.60
C VAL B 201 0.97 -17.04 -23.52
N THR B 202 -0.21 -17.02 -22.93
CA THR B 202 -1.42 -16.71 -23.71
C THR B 202 -1.91 -15.35 -23.26
N HIS B 203 -2.16 -14.47 -24.23
CA HIS B 203 -2.70 -13.16 -23.98
C HIS B 203 -3.38 -12.57 -25.20
N GLN B 204 -4.57 -12.03 -24.94
CA GLN B 204 -5.44 -11.36 -25.91
C GLN B 204 -4.69 -10.43 -26.85
N GLY B 205 -3.57 -9.87 -26.42
CA GLY B 205 -2.77 -9.01 -27.30
C GLY B 205 -1.86 -9.79 -28.24
N LEU B 206 -1.77 -11.11 -28.06
CA LEU B 206 -0.93 -11.94 -28.91
C LEU B 206 -1.83 -12.77 -29.79
N SER B 207 -1.64 -12.68 -31.10
CA SER B 207 -2.46 -13.45 -31.99
C SER B 207 -2.04 -14.90 -31.89
N SER B 208 -0.87 -15.11 -31.31
CA SER B 208 -0.32 -16.43 -31.16
C SER B 208 0.53 -16.49 -29.91
N PRO B 209 0.25 -17.46 -29.04
CA PRO B 209 0.99 -17.80 -27.82
C PRO B 209 2.49 -17.72 -28.07
N VAL B 210 3.23 -17.03 -27.20
CA VAL B 210 4.66 -16.90 -27.37
C VAL B 210 5.42 -17.70 -26.32
N THR B 211 6.34 -18.54 -26.79
CA THR B 211 7.15 -19.31 -25.89
C THR B 211 8.50 -18.63 -25.75
N LYS B 212 9.00 -18.55 -24.53
CA LYS B 212 10.36 -18.09 -24.26
C LYS B 212 11.15 -19.22 -23.61
C1 PEG C . 1.26 -6.51 5.48
O1 PEG C . 1.16 -7.88 5.88
C2 PEG C . 1.01 -5.67 6.73
O2 PEG C . 0.38 -4.44 6.40
C3 PEG C . 1.15 -3.59 5.55
C4 PEG C . 0.21 -3.03 4.48
O4 PEG C . -1.13 -2.93 4.96
OH2 1PE D . -15.11 23.23 16.43
C12 1PE D . -15.50 21.87 16.61
C22 1PE D . -15.98 21.33 15.28
OH3 1PE D . -14.86 20.92 14.51
C13 1PE D . -13.50 19.10 13.75
C23 1PE D . -14.85 19.52 14.29
OH4 1PE D . -12.56 19.44 14.75
C14 1PE D . -10.43 18.92 15.65
C24 1PE D . -11.27 18.99 14.38
OH5 1PE D . -10.91 17.86 16.47
C15 1PE D . -11.47 17.75 18.81
C25 1PE D . -10.38 17.94 17.80
OH6 1PE D . -11.93 16.41 18.81
C16 1PE D . -13.16 15.38 20.70
C26 1PE D . -11.83 15.87 20.14
OH7 1PE D . -14.19 15.80 19.81
#